data_6A6W
#
_entry.id   6A6W
#
_cell.length_a   133.951
_cell.length_b   133.951
_cell.length_c   87.394
_cell.angle_alpha   90.000
_cell.angle_beta   90.000
_cell.angle_gamma   120.000
#
_symmetry.space_group_name_H-M   'P 63 2 2'
#
loop_
_entity.id
_entity.type
_entity.pdbx_description
1 polymer 'Bouquet formation protein 4'
2 polymer 'Spindle pole body-associated protein sad1'
3 water water
#
loop_
_entity_poly.entity_id
_entity_poly.type
_entity_poly.pdbx_seq_one_letter_code
_entity_poly.pdbx_strand_id
1 'polypeptide(L)'
;STENEKSRSLPAERNPLYKDDTLDHTPLIPKCRAQVIEFPDGPATFVRLKCTNPESKVPHFLMRMAKDSSISATSMFRSA
FPKATQEEEDLEMRWIRDNLNPIEDKRVAGLWVPPADALALAKDYSMTPFINALLEASST
;
A
2 'polypeptide(L)' GPLSDNEEFENVVKNGH B
#
# COMPACT_ATOMS: atom_id res chain seq x y z
N LYS A 6 -16.66 -11.13 9.36
CA LYS A 6 -16.26 -12.51 9.11
C LYS A 6 -15.13 -12.87 10.09
N SER A 7 -14.23 -13.77 9.67
CA SER A 7 -13.02 -14.08 10.42
C SER A 7 -12.09 -12.89 10.37
N ARG A 8 -12.41 -11.86 11.16
CA ARG A 8 -11.74 -10.58 11.02
C ARG A 8 -11.78 -9.83 12.34
N SER A 9 -10.65 -9.22 12.68
CA SER A 9 -10.57 -8.23 13.75
C SER A 9 -9.31 -7.42 13.51
N LEU A 10 -9.47 -6.14 13.22
CA LEU A 10 -8.34 -5.32 12.86
C LEU A 10 -7.54 -4.90 14.09
N PRO A 11 -6.24 -4.66 13.92
CA PRO A 11 -5.42 -4.17 15.04
C PRO A 11 -6.01 -2.94 15.72
N ALA A 12 -5.66 -2.78 17.00
CA ALA A 12 -6.28 -1.74 17.83
C ALA A 12 -5.65 -0.37 17.59
N GLU A 13 -4.33 -0.30 17.50
CA GLU A 13 -3.64 0.96 17.31
C GLU A 13 -3.41 1.23 15.83
N ARG A 14 -3.84 2.40 15.37
CA ARG A 14 -3.72 2.78 13.98
C ARG A 14 -2.83 4.00 13.84
N ASN A 15 -2.07 4.04 12.76
CA ASN A 15 -1.20 5.15 12.41
C ASN A 15 -1.95 6.47 12.55
N PRO A 16 -1.51 7.37 13.43
CA PRO A 16 -2.20 8.66 13.56
C PRO A 16 -2.31 9.43 12.26
N LEU A 17 -1.51 9.09 11.25
CA LEU A 17 -1.62 9.69 9.93
C LEU A 17 -3.02 9.53 9.35
N TYR A 18 -3.76 8.52 9.77
CA TYR A 18 -5.04 8.15 9.18
C TYR A 18 -6.22 8.44 10.10
N LYS A 19 -6.12 9.49 10.92
CA LYS A 19 -7.20 9.79 11.85
C LYS A 19 -8.47 10.24 11.14
N ASP A 20 -8.34 10.93 9.99
CA ASP A 20 -9.50 11.49 9.29
C ASP A 20 -9.53 10.94 7.86
N ASP A 21 -10.57 10.16 7.56
CA ASP A 21 -10.77 9.53 6.27
C ASP A 21 -11.45 10.44 5.26
N THR A 22 -11.90 11.63 5.67
CA THR A 22 -12.73 12.48 4.82
C THR A 22 -11.96 13.58 4.11
N LEU A 23 -10.66 13.72 4.36
CA LEU A 23 -9.91 14.81 3.77
C LEU A 23 -9.78 14.64 2.26
N ASP A 24 -9.76 15.77 1.56
CA ASP A 24 -9.51 15.75 0.12
C ASP A 24 -8.13 15.18 -0.16
N HIS A 25 -8.04 14.38 -1.21
CA HIS A 25 -6.79 13.70 -1.56
C HIS A 25 -5.89 14.52 -2.46
N THR A 26 -6.47 15.47 -3.22
CA THR A 26 -5.74 16.19 -4.24
C THR A 26 -4.40 16.76 -3.79
N PRO A 27 -4.28 17.40 -2.61
CA PRO A 27 -2.96 17.95 -2.23
C PRO A 27 -1.88 16.89 -2.09
N LEU A 28 -2.24 15.62 -2.01
CA LEU A 28 -1.29 14.53 -1.82
C LEU A 28 -0.67 14.05 -3.12
N ILE A 29 -1.37 14.21 -4.23
CA ILE A 29 -0.97 13.68 -5.53
C ILE A 29 0.43 14.13 -5.93
N PRO A 30 0.82 15.40 -5.76
CA PRO A 30 2.20 15.77 -6.08
C PRO A 30 3.27 14.98 -5.34
N LYS A 31 2.95 14.34 -4.21
CA LYS A 31 3.99 13.69 -3.42
C LYS A 31 4.25 12.25 -3.84
N CYS A 32 3.45 11.72 -4.75
CA CYS A 32 3.73 10.39 -5.28
C CYS A 32 4.96 10.42 -6.18
N ARG A 33 5.62 9.28 -6.28
CA ARG A 33 6.75 9.09 -7.15
C ARG A 33 6.54 7.82 -7.97
N ALA A 34 7.03 7.84 -9.20
CA ALA A 34 7.03 6.66 -10.05
C ALA A 34 8.42 6.04 -10.07
N GLN A 35 8.46 4.71 -10.08
CA GLN A 35 9.74 4.01 -10.12
C GLN A 35 9.62 2.75 -10.96
N VAL A 36 10.60 2.56 -11.83
CA VAL A 36 10.67 1.39 -12.71
C VAL A 36 11.50 0.33 -12.03
N ILE A 37 10.97 -0.91 -12.02
CA ILE A 37 11.67 -2.05 -11.45
C ILE A 37 11.82 -3.10 -12.54
N GLU A 38 13.05 -3.57 -12.75
CA GLU A 38 13.33 -4.55 -13.78
C GLU A 38 13.13 -5.95 -13.22
N PHE A 39 12.26 -6.71 -13.86
CA PHE A 39 12.03 -8.10 -13.55
C PHE A 39 12.60 -8.98 -14.63
N PRO A 40 12.88 -10.25 -14.33
CA PRO A 40 13.36 -11.19 -15.36
C PRO A 40 12.59 -11.10 -16.66
N ASP A 41 11.26 -10.96 -16.61
CA ASP A 41 10.46 -10.84 -17.82
C ASP A 41 10.38 -9.42 -18.36
N GLY A 42 11.06 -8.46 -17.73
CA GLY A 42 11.09 -7.10 -18.22
C GLY A 42 10.79 -6.09 -17.14
N PRO A 43 10.83 -4.80 -17.51
CA PRO A 43 10.57 -3.75 -16.54
C PRO A 43 9.08 -3.53 -16.33
N ALA A 44 8.77 -3.07 -15.12
CA ALA A 44 7.41 -2.67 -14.76
C ALA A 44 7.49 -1.40 -13.92
N THR A 45 6.50 -0.54 -14.10
CA THR A 45 6.47 0.75 -13.42
C THR A 45 5.51 0.71 -12.23
N PHE A 46 5.95 1.29 -11.11
CA PHE A 46 5.14 1.41 -9.91
C PHE A 46 5.00 2.87 -9.53
N VAL A 47 3.87 3.20 -8.90
CA VAL A 47 3.68 4.50 -8.27
C VAL A 47 3.72 4.28 -6.77
N ARG A 48 4.58 5.03 -6.08
CA ARG A 48 4.72 4.87 -4.64
C ARG A 48 4.47 6.19 -3.92
N LEU A 49 3.91 6.08 -2.73
CA LEU A 49 3.65 7.21 -1.86
C LEU A 49 4.23 6.89 -0.49
N LYS A 50 5.14 7.72 -0.02
CA LYS A 50 5.80 7.48 1.26
C LYS A 50 4.97 8.10 2.37
N CYS A 51 4.61 7.27 3.34
CA CYS A 51 3.77 7.67 4.46
C CYS A 51 4.57 7.50 5.74
N THR A 52 4.93 8.62 6.36
CA THR A 52 5.70 8.61 7.59
C THR A 52 4.73 8.78 8.74
N ASN A 53 4.63 7.76 9.60
CA ASN A 53 3.83 7.85 10.80
C ASN A 53 4.32 9.05 11.62
N PRO A 54 3.45 10.03 11.90
CA PRO A 54 3.93 11.26 12.56
C PRO A 54 4.54 11.06 13.93
N GLU A 55 4.14 10.01 14.65
CA GLU A 55 4.63 9.87 16.02
C GLU A 55 5.81 8.90 16.15
N SER A 56 5.90 7.85 15.31
CA SER A 56 7.11 7.03 15.41
C SER A 56 8.15 7.47 14.41
N LYS A 57 7.85 8.47 13.58
CA LYS A 57 8.76 9.00 12.54
C LYS A 57 9.16 7.93 11.53
N VAL A 58 8.42 6.83 11.43
CA VAL A 58 8.87 5.68 10.64
C VAL A 58 8.10 5.61 9.33
N PRO A 59 8.80 5.44 8.19
CA PRO A 59 8.15 5.54 6.87
C PRO A 59 7.75 4.20 6.28
N HIS A 60 6.59 4.17 5.63
CA HIS A 60 6.15 3.02 4.84
C HIS A 60 5.79 3.50 3.45
N PHE A 61 5.80 2.59 2.49
CA PHE A 61 5.41 2.91 1.12
C PHE A 61 4.04 2.33 0.83
N LEU A 62 3.14 3.17 0.31
CA LEU A 62 1.98 2.70 -0.40
C LEU A 62 2.39 2.53 -1.86
N MET A 63 1.96 1.44 -2.47
CA MET A 63 2.50 1.08 -3.76
C MET A 63 1.38 0.60 -4.67
N ARG A 64 1.56 0.89 -5.96
CA ARG A 64 0.55 0.66 -6.98
C ARG A 64 1.27 0.27 -8.25
N MET A 65 0.73 -0.73 -8.96
CA MET A 65 1.26 -1.07 -10.28
C MET A 65 0.68 -0.12 -11.31
N ALA A 66 1.55 0.39 -12.19
CA ALA A 66 1.10 1.40 -13.14
C ALA A 66 0.14 0.83 -14.18
N LYS A 67 0.36 -0.42 -14.61
CA LYS A 67 -0.37 -0.93 -15.77
C LYS A 67 -1.83 -1.19 -15.45
N ASP A 68 -2.13 -1.85 -14.32
CA ASP A 68 -3.52 -2.13 -13.97
C ASP A 68 -3.93 -1.59 -12.61
N SER A 69 -3.10 -0.76 -11.97
CA SER A 69 -3.44 -0.11 -10.70
C SER A 69 -3.70 -1.10 -9.58
N SER A 70 -3.10 -2.29 -9.64
CA SER A 70 -3.16 -3.20 -8.52
C SER A 70 -2.37 -2.61 -7.35
N ILE A 71 -2.94 -2.71 -6.15
CA ILE A 71 -2.38 -2.07 -4.96
C ILE A 71 -2.06 -3.14 -3.92
N SER A 72 -0.90 -3.00 -3.29
CA SER A 72 -0.47 -3.95 -2.26
C SER A 72 -1.27 -3.75 -0.98
N ALA A 73 -2.17 -4.70 -0.70
CA ALA A 73 -2.98 -4.61 0.51
C ALA A 73 -2.13 -4.76 1.76
N THR A 74 -1.07 -5.57 1.71
CA THR A 74 -0.26 -5.74 2.90
C THR A 74 0.59 -4.50 3.19
N SER A 75 0.93 -3.72 2.17
CA SER A 75 1.61 -2.45 2.43
C SER A 75 0.66 -1.47 3.11
N MET A 76 -0.60 -1.42 2.67
CA MET A 76 -1.61 -0.63 3.34
C MET A 76 -1.73 -1.03 4.80
N PHE A 77 -1.83 -2.35 5.04
CA PHE A 77 -2.04 -2.85 6.39
C PHE A 77 -0.90 -2.45 7.33
N ARG A 78 0.35 -2.61 6.87
CA ARG A 78 1.49 -2.35 7.74
C ARG A 78 1.67 -0.86 8.00
N SER A 79 1.22 -0.01 7.08
CA SER A 79 1.28 1.42 7.34
C SER A 79 0.17 1.82 8.30
N ALA A 80 -1.01 1.21 8.16
CA ALA A 80 -2.14 1.53 9.02
C ALA A 80 -1.95 1.02 10.43
N PHE A 81 -1.38 -0.15 10.61
CA PHE A 81 -1.28 -0.76 11.95
C PHE A 81 0.19 -1.06 12.26
N PRO A 82 0.91 -0.07 12.79
CA PRO A 82 2.35 -0.28 13.00
C PRO A 82 2.68 -1.32 14.06
N LYS A 83 1.81 -1.52 15.05
CA LYS A 83 2.07 -2.46 16.13
C LYS A 83 1.30 -3.77 15.97
N ALA A 84 0.99 -4.15 14.74
CA ALA A 84 0.24 -5.38 14.49
C ALA A 84 1.14 -6.60 14.63
N THR A 85 0.58 -7.67 15.20
CA THR A 85 1.30 -8.94 15.22
C THR A 85 1.23 -9.61 13.84
N GLN A 86 2.10 -10.60 13.64
CA GLN A 86 2.06 -11.34 12.38
C GLN A 86 0.77 -12.12 12.26
N GLU A 87 0.26 -12.65 13.38
CA GLU A 87 -1.01 -13.37 13.35
C GLU A 87 -2.15 -12.44 12.96
N GLU A 88 -2.11 -11.18 13.40
CA GLU A 88 -3.13 -10.22 12.98
C GLU A 88 -3.05 -9.97 11.48
N GLU A 89 -1.83 -9.84 10.95
CA GLU A 89 -1.67 -9.60 9.52
C GLU A 89 -2.16 -10.80 8.71
N ASP A 90 -1.67 -12.00 9.06
CA ASP A 90 -2.10 -13.21 8.36
C ASP A 90 -3.62 -13.38 8.43
N LEU A 91 -4.21 -13.06 9.58
CA LEU A 91 -5.67 -13.14 9.70
C LEU A 91 -6.36 -12.26 8.67
N GLU A 92 -5.88 -11.02 8.49
CA GLU A 92 -6.57 -10.07 7.61
C GLU A 92 -6.28 -10.36 6.15
N MET A 93 -5.05 -10.77 5.83
CA MET A 93 -4.74 -11.16 4.46
C MET A 93 -5.57 -12.37 4.05
N ARG A 94 -5.70 -13.34 4.95
CA ARG A 94 -6.63 -14.44 4.73
C ARG A 94 -8.04 -13.92 4.47
N TRP A 95 -8.46 -12.90 5.22
CA TRP A 95 -9.79 -12.32 5.02
C TRP A 95 -9.90 -11.72 3.63
N ILE A 96 -8.87 -10.97 3.20
CA ILE A 96 -8.87 -10.36 1.88
C ILE A 96 -9.04 -11.43 0.80
N ARG A 97 -8.39 -12.58 0.99
CA ARG A 97 -8.50 -13.66 0.01
C ARG A 97 -9.94 -14.14 -0.13
N ASP A 98 -10.62 -14.34 1.00
CA ASP A 98 -11.94 -14.97 0.96
C ASP A 98 -13.05 -13.98 0.65
N ASN A 99 -12.81 -12.68 0.78
CA ASN A 99 -13.85 -11.67 0.58
C ASN A 99 -13.56 -10.68 -0.53
N LEU A 100 -12.31 -10.50 -0.93
CA LEU A 100 -12.01 -9.65 -2.08
C LEU A 100 -11.38 -10.51 -3.16
N ASN A 101 -10.75 -9.89 -4.16
CA ASN A 101 -10.20 -10.62 -5.29
C ASN A 101 -8.75 -10.23 -5.51
N PRO A 102 -7.84 -10.72 -4.68
CA PRO A 102 -6.43 -10.42 -4.88
C PRO A 102 -5.98 -10.87 -6.26
N ILE A 103 -4.96 -10.19 -6.79
CA ILE A 103 -4.34 -10.65 -8.02
C ILE A 103 -3.23 -11.64 -7.68
N GLU A 104 -2.83 -12.42 -8.68
CA GLU A 104 -1.76 -13.39 -8.56
C GLU A 104 -0.61 -12.96 -9.46
N ASP A 105 0.57 -12.81 -8.89
CA ASP A 105 1.72 -12.28 -9.62
C ASP A 105 3.00 -12.85 -9.01
N LYS A 106 3.70 -13.67 -9.78
CA LYS A 106 4.88 -14.35 -9.28
C LYS A 106 5.98 -13.37 -8.89
N ARG A 107 6.02 -12.19 -9.51
CA ARG A 107 7.19 -11.32 -9.37
C ARG A 107 7.18 -10.50 -8.10
N VAL A 108 6.02 -10.23 -7.49
CA VAL A 108 5.94 -9.33 -6.36
C VAL A 108 5.52 -10.09 -5.11
N ALA A 109 6.13 -9.73 -3.98
CA ALA A 109 5.76 -10.25 -2.69
C ALA A 109 4.50 -9.58 -2.18
N GLY A 110 3.84 -10.23 -1.22
CA GLY A 110 2.66 -9.67 -0.61
C GLY A 110 1.41 -9.86 -1.44
N LEU A 111 0.31 -9.39 -0.88
CA LEU A 111 -1.02 -9.55 -1.42
C LEU A 111 -1.45 -8.25 -2.08
N TRP A 112 -1.75 -8.31 -3.38
CA TRP A 112 -2.14 -7.15 -4.16
C TRP A 112 -3.58 -7.30 -4.61
N VAL A 113 -4.30 -6.17 -4.72
CA VAL A 113 -5.72 -6.21 -5.01
C VAL A 113 -6.06 -5.13 -6.03
N PRO A 114 -7.14 -5.30 -6.77
CA PRO A 114 -7.54 -4.30 -7.77
C PRO A 114 -8.00 -3.02 -7.11
N PRO A 115 -8.02 -1.90 -7.87
CA PRO A 115 -8.32 -0.59 -7.25
C PRO A 115 -9.56 -0.54 -6.38
N ALA A 116 -10.70 -1.04 -6.88
CA ALA A 116 -11.93 -0.95 -6.10
C ALA A 116 -11.85 -1.74 -4.80
N ASP A 117 -11.13 -2.86 -4.80
CA ASP A 117 -10.89 -3.59 -3.55
C ASP A 117 -10.06 -2.73 -2.60
N ALA A 118 -9.01 -2.09 -3.12
CA ALA A 118 -8.14 -1.27 -2.29
C ALA A 118 -8.91 -0.13 -1.64
N LEU A 119 -9.83 0.49 -2.39
CA LEU A 119 -10.63 1.58 -1.81
C LEU A 119 -11.60 1.06 -0.77
N ALA A 120 -12.09 -0.17 -0.94
CA ALA A 120 -12.89 -0.80 0.11
C ALA A 120 -12.06 -0.98 1.38
N LEU A 121 -10.83 -1.47 1.24
CA LEU A 121 -9.94 -1.60 2.38
C LEU A 121 -9.61 -0.23 2.97
N ALA A 122 -9.43 0.78 2.12
CA ALA A 122 -9.07 2.12 2.58
C ALA A 122 -10.13 2.66 3.54
N LYS A 123 -11.40 2.38 3.25
CA LYS A 123 -12.46 2.76 4.18
C LYS A 123 -12.28 2.06 5.53
N ASP A 124 -11.92 0.77 5.50
CA ASP A 124 -11.72 0.03 6.74
C ASP A 124 -10.50 0.52 7.51
N TYR A 125 -9.44 0.91 6.80
CA TYR A 125 -8.20 1.34 7.41
C TYR A 125 -8.13 2.85 7.60
N SER A 126 -9.17 3.58 7.20
CA SER A 126 -9.21 5.03 7.29
C SER A 126 -8.10 5.68 6.46
N MET A 127 -7.88 5.13 5.26
CA MET A 127 -6.80 5.56 4.37
C MET A 127 -7.32 6.12 3.04
N THR A 128 -8.62 6.39 2.94
CA THR A 128 -9.20 6.76 1.64
C THR A 128 -8.50 7.93 0.96
N PRO A 129 -8.15 9.04 1.64
CA PRO A 129 -7.40 10.08 0.93
C PRO A 129 -6.10 9.57 0.33
N PHE A 130 -5.43 8.63 0.99
CA PHE A 130 -4.11 8.21 0.54
C PHE A 130 -4.19 7.26 -0.66
N ILE A 131 -5.18 6.36 -0.66
CA ILE A 131 -5.35 5.49 -1.81
C ILE A 131 -5.88 6.28 -3.01
N ASN A 132 -6.80 7.22 -2.77
CA ASN A 132 -7.29 8.06 -3.86
C ASN A 132 -6.15 8.81 -4.52
N ALA A 133 -5.26 9.41 -3.72
CA ALA A 133 -4.12 10.12 -4.27
C ALA A 133 -3.20 9.17 -5.02
N LEU A 134 -2.96 7.98 -4.47
CA LEU A 134 -2.11 7.00 -5.13
C LEU A 134 -2.69 6.59 -6.48
N LEU A 135 -4.00 6.39 -6.55
CA LEU A 135 -4.63 5.94 -7.78
C LEU A 135 -4.69 7.03 -8.83
N GLU A 136 -4.87 8.28 -8.41
CA GLU A 136 -4.99 9.41 -9.32
C GLU A 136 -3.63 9.93 -9.77
N ALA A 137 -2.56 9.55 -9.08
CA ALA A 137 -1.22 10.00 -9.45
C ALA A 137 -0.85 9.51 -10.85
N SER A 138 -0.04 10.31 -11.54
CA SER A 138 0.44 9.92 -12.85
C SER A 138 1.62 8.97 -12.74
N SER A 139 1.72 8.08 -13.72
CA SER A 139 2.89 7.21 -13.87
C SER A 139 3.98 7.85 -14.72
N THR A 140 3.80 9.10 -15.12
CA THR A 140 4.69 9.74 -16.09
C THR A 140 4.78 11.25 -15.90
N GLY B 1 18.27 12.33 -3.88
CA GLY B 1 17.26 12.66 -2.88
C GLY B 1 16.22 11.58 -2.78
N PRO B 2 15.19 11.64 -3.62
CA PRO B 2 14.28 10.50 -3.77
C PRO B 2 14.98 9.20 -4.15
N LEU B 3 16.24 9.23 -4.60
CA LEU B 3 16.94 7.98 -4.92
C LEU B 3 17.32 7.20 -3.66
N SER B 4 17.35 7.87 -2.50
CA SER B 4 17.68 7.19 -1.26
C SER B 4 16.73 6.03 -0.96
N ASP B 5 15.47 6.16 -1.37
CA ASP B 5 14.44 5.16 -1.10
C ASP B 5 14.20 4.19 -2.25
N ASN B 6 14.95 4.30 -3.35
CA ASN B 6 14.77 3.38 -4.46
C ASN B 6 15.02 1.93 -4.04
N GLU B 7 16.10 1.70 -3.29
CA GLU B 7 16.49 0.32 -2.98
C GLU B 7 15.49 -0.35 -2.05
N GLU B 8 15.07 0.33 -0.98
CA GLU B 8 14.18 -0.32 -0.03
C GLU B 8 12.78 -0.50 -0.62
N PHE B 9 12.35 0.41 -1.49
CA PHE B 9 11.09 0.20 -2.17
C PHE B 9 11.14 -1.05 -3.03
N GLU B 10 12.20 -1.19 -3.83
CA GLU B 10 12.31 -2.34 -4.72
C GLU B 10 12.41 -3.65 -3.94
N ASN B 11 13.08 -3.64 -2.78
CA ASN B 11 13.18 -4.86 -2.00
C ASN B 11 11.86 -5.21 -1.32
N VAL B 12 11.07 -4.20 -0.93
CA VAL B 12 9.74 -4.47 -0.39
C VAL B 12 8.84 -5.03 -1.48
N VAL B 13 8.95 -4.51 -2.70
CA VAL B 13 8.14 -5.02 -3.80
C VAL B 13 8.45 -6.48 -4.07
N LYS B 14 9.74 -6.82 -4.13
CA LYS B 14 10.13 -8.14 -4.60
C LYS B 14 10.16 -9.18 -3.49
N ASN B 15 10.54 -8.78 -2.28
CA ASN B 15 10.68 -9.72 -1.17
C ASN B 15 9.85 -9.39 0.05
N GLY B 16 9.11 -8.27 0.06
CA GLY B 16 8.25 -7.93 1.17
C GLY B 16 8.95 -7.33 2.37
N HIS B 17 10.23 -6.99 2.24
CA HIS B 17 11.01 -6.37 3.31
C HIS B 17 12.37 -5.94 2.79
#